data_7VV4
#
_entry.id   7VV4
#
_cell.length_a   1.00
_cell.length_b   1.00
_cell.length_c   1.00
_cell.angle_alpha   90.00
_cell.angle_beta   90.00
_cell.angle_gamma   90.00
#
_symmetry.space_group_name_H-M   'P 1'
#
loop_
_entity.id
_entity.type
_entity.pdbx_description
1 polymer 'Mas-related G-protein coupled receptor member X2'
2 polymer 'circular cortistatin-14'
3 non-polymer CHOLESTEROL
#
loop_
_entity_poly.entity_id
_entity_poly.type
_entity_poly.pdbx_seq_one_letter_code
_entity_poly.pdbx_strand_id
1 'polypeptide(L)'
;MDPTTPAWGTESTTVNGNDQALLLLCGKETLIPVFLILFIALVGLVGNGFVLWLLGFRMRRNAFSVYVLSLAGADFLFLC
FQIINCLVYLSNFFCSISINFPSFFTTVMTCAYLAGLSMLSTVSTERCLSVLWPIWYRCRRPRHLSAVVCVLLWALSLLL
SILEGKFCGFLFSDGDSGWCQTFDFITAAWLIFLFMVLCGSSLALLVRILCGSRGLPLTRLYLTILLTVLVFLLCGLPFG
IQWFLILWIWKDSDVLFCHIHPVSVVLSSLNSSANPIIYFFVGSFRKQWRLQQPILKLALQRALQDIAEVDHSEGCFRQG
TPEMSRSSLV
;
R
2 'polypeptide(L)' PCKNFFWKTFSSCK L
#
# COMPACT_ATOMS: atom_id res chain seq x y z
N GLY A 27 14.84 5.00 22.58
CA GLY A 27 16.11 4.32 22.77
C GLY A 27 16.05 2.83 22.51
N LYS A 28 16.04 2.05 23.59
CA LYS A 28 16.00 0.59 23.44
C LYS A 28 14.62 0.12 23.01
N GLU A 29 13.57 0.82 23.44
CA GLU A 29 12.21 0.39 23.14
C GLU A 29 11.88 0.57 21.66
N THR A 30 12.61 1.44 20.97
CA THR A 30 12.37 1.63 19.55
C THR A 30 13.25 0.69 18.72
N LEU A 31 14.35 0.22 19.30
CA LEU A 31 15.34 -0.55 18.56
C LEU A 31 14.81 -1.93 18.16
N ILE A 32 14.01 -2.56 19.04
CA ILE A 32 13.53 -3.91 18.79
C ILE A 32 12.49 -3.94 17.67
N PRO A 33 11.54 -2.98 17.56
CA PRO A 33 10.73 -2.93 16.32
C PRO A 33 11.52 -2.72 15.05
N VAL A 34 12.65 -2.02 15.11
CA VAL A 34 13.36 -1.61 13.91
C VAL A 34 14.05 -2.81 13.25
N PHE A 35 14.51 -3.76 14.06
CA PHE A 35 15.05 -5.00 13.50
C PHE A 35 13.96 -5.79 12.77
N LEU A 36 12.74 -5.81 13.33
CA LEU A 36 11.61 -6.41 12.63
C LEU A 36 11.33 -5.68 11.33
N ILE A 37 11.44 -4.35 11.34
CA ILE A 37 11.25 -3.54 10.13
C ILE A 37 12.25 -3.95 9.06
N LEU A 38 13.53 -4.07 9.42
CA LEU A 38 14.53 -4.38 8.41
C LEU A 38 14.37 -5.80 7.89
N PHE A 39 14.03 -6.75 8.76
CA PHE A 39 13.85 -8.14 8.33
C PHE A 39 12.65 -8.29 7.40
N ILE A 40 11.50 -7.76 7.82
CA ILE A 40 10.28 -7.84 7.01
C ILE A 40 10.45 -7.07 5.70
N ALA A 41 11.17 -5.95 5.76
CA ALA A 41 11.41 -5.14 4.57
C ALA A 41 12.32 -5.85 3.58
N LEU A 42 13.33 -6.58 4.09
CA LEU A 42 14.19 -7.36 3.20
C LEU A 42 13.44 -8.51 2.53
N VAL A 43 12.58 -9.19 3.30
CA VAL A 43 11.78 -10.29 2.75
C VAL A 43 10.84 -9.77 1.67
N GLY A 44 10.14 -8.67 1.96
CA GLY A 44 9.26 -8.09 0.96
C GLY A 44 10.03 -7.51 -0.21
N LEU A 45 11.27 -7.07 0.03
CA LEU A 45 12.09 -6.53 -1.03
C LEU A 45 12.45 -7.59 -2.06
N VAL A 46 12.92 -8.75 -1.59
CA VAL A 46 13.28 -9.81 -2.54
C VAL A 46 12.03 -10.38 -3.20
N GLY A 47 10.92 -10.45 -2.47
CA GLY A 47 9.68 -10.89 -3.09
C GLY A 47 9.19 -9.96 -4.19
N ASN A 48 9.19 -8.65 -3.93
CA ASN A 48 8.74 -7.69 -4.92
C ASN A 48 9.71 -7.62 -6.10
N GLY A 49 11.00 -7.78 -5.85
CA GLY A 49 11.96 -7.81 -6.95
C GLY A 49 11.76 -9.00 -7.85
N PHE A 50 11.51 -10.18 -7.26
CA PHE A 50 11.22 -11.37 -8.07
C PHE A 50 9.94 -11.19 -8.87
N VAL A 51 8.89 -10.62 -8.25
CA VAL A 51 7.64 -10.40 -8.96
C VAL A 51 7.83 -9.41 -10.11
N LEU A 52 8.57 -8.33 -9.86
CA LEU A 52 8.83 -7.33 -10.89
C LEU A 52 9.58 -7.92 -12.07
N TRP A 53 10.64 -8.69 -11.78
CA TRP A 53 11.43 -9.27 -12.86
C TRP A 53 10.61 -10.29 -13.66
N LEU A 54 9.88 -11.17 -12.97
CA LEU A 54 9.09 -12.19 -13.65
C LEU A 54 8.02 -11.58 -14.53
N LEU A 55 7.21 -10.68 -13.98
CA LEU A 55 6.09 -10.14 -14.75
C LEU A 55 6.56 -9.15 -15.80
N GLY A 56 7.71 -8.51 -15.60
CA GLY A 56 8.21 -7.61 -16.61
C GLY A 56 8.82 -8.34 -17.80
N PHE A 57 9.58 -9.40 -17.54
CA PHE A 57 10.42 -9.98 -18.59
C PHE A 57 10.08 -11.43 -18.89
N ARG A 58 9.92 -12.27 -17.87
CA ARG A 58 9.91 -13.71 -18.10
C ARG A 58 8.52 -14.22 -18.47
N MET A 59 7.48 -13.70 -17.83
CA MET A 59 6.14 -14.26 -17.95
C MET A 59 5.27 -13.40 -18.85
N ARG A 60 4.34 -14.06 -19.55
CA ARG A 60 3.35 -13.33 -20.33
C ARG A 60 2.38 -12.61 -19.41
N ARG A 61 1.92 -11.44 -19.83
CA ARG A 61 1.08 -10.59 -19.01
C ARG A 61 -0.37 -10.65 -19.49
N ASN A 62 -1.29 -10.87 -18.55
CA ASN A 62 -2.70 -10.72 -18.82
C ASN A 62 -3.08 -9.24 -18.79
N ALA A 63 -4.39 -8.99 -18.91
CA ALA A 63 -4.88 -7.66 -18.59
C ALA A 63 -4.81 -7.40 -17.09
N PHE A 64 -4.89 -8.46 -16.30
CA PHE A 64 -4.86 -8.31 -14.84
C PHE A 64 -3.43 -8.22 -14.32
N SER A 65 -2.46 -8.78 -15.05
CA SER A 65 -1.09 -8.85 -14.56
C SER A 65 -0.46 -7.47 -14.45
N VAL A 66 -0.98 -6.50 -15.21
CA VAL A 66 -0.49 -5.13 -15.13
C VAL A 66 -0.72 -4.56 -13.73
N TYR A 67 -1.86 -4.92 -13.10
CA TYR A 67 -2.15 -4.44 -11.77
C TYR A 67 -1.19 -5.01 -10.73
N VAL A 68 -0.85 -6.30 -10.86
CA VAL A 68 0.08 -6.92 -9.92
C VAL A 68 1.47 -6.34 -10.11
N LEU A 69 1.87 -6.09 -11.36
CA LEU A 69 3.16 -5.47 -11.63
C LEU A 69 3.23 -4.07 -11.05
N SER A 70 2.16 -3.30 -11.20
CA SER A 70 2.10 -1.95 -10.66
C SER A 70 2.11 -1.96 -9.14
N LEU A 71 1.43 -2.94 -8.53
CA LEU A 71 1.43 -3.04 -7.08
C LEU A 71 2.81 -3.40 -6.55
N ALA A 72 3.51 -4.30 -7.24
CA ALA A 72 4.88 -4.62 -6.84
C ALA A 72 5.79 -3.41 -6.99
N GLY A 73 5.60 -2.63 -8.07
CA GLY A 73 6.39 -1.42 -8.24
C GLY A 73 6.10 -0.38 -7.17
N ALA A 74 4.82 -0.21 -6.80
CA ALA A 74 4.45 0.71 -5.73
C ALA A 74 4.98 0.25 -4.39
N ASP A 75 5.08 -1.06 -4.20
CA ASP A 75 5.58 -1.58 -2.94
C ASP A 75 7.09 -1.48 -2.86
N PHE A 76 7.75 -1.52 -4.00
CA PHE A 76 9.17 -1.46 -3.98
C PHE A 76 9.68 -0.19 -3.34
N LEU A 77 9.24 0.95 -3.84
CA LEU A 77 9.74 2.23 -3.33
C LEU A 77 9.51 2.35 -1.83
N PHE A 78 8.32 1.96 -1.38
CA PHE A 78 7.99 2.04 0.04
C PHE A 78 8.91 1.15 0.88
N LEU A 79 9.18 -0.07 0.40
CA LEU A 79 9.99 -0.97 1.20
C LEU A 79 11.46 -0.56 1.17
N CYS A 80 11.94 -0.04 0.04
CA CYS A 80 13.30 0.48 -0.03
C CYS A 80 13.49 1.67 0.92
N PHE A 81 12.49 2.56 0.97
CA PHE A 81 12.58 3.69 1.87
C PHE A 81 12.47 3.27 3.34
N GLN A 82 11.73 2.20 3.62
CA GLN A 82 11.73 1.66 4.98
C GLN A 82 13.10 1.09 5.35
N ILE A 83 13.76 0.42 4.40
CA ILE A 83 15.12 -0.08 4.63
C ILE A 83 16.07 1.09 4.92
N ILE A 84 15.92 2.18 4.16
CA ILE A 84 16.75 3.36 4.37
C ILE A 84 16.50 3.94 5.76
N ASN A 85 15.23 4.08 6.13
CA ASN A 85 14.88 4.77 7.38
C ASN A 85 15.19 3.91 8.61
N CYS A 86 15.33 2.59 8.44
CA CYS A 86 15.79 1.81 9.59
C CYS A 86 17.31 1.70 9.62
N LEU A 87 17.94 1.65 8.44
CA LEU A 87 19.39 1.55 8.36
C LEU A 87 20.07 2.79 8.94
N VAL A 88 19.50 3.96 8.66
CA VAL A 88 20.12 5.18 9.18
C VAL A 88 19.76 5.38 10.64
N TYR A 89 18.72 4.68 11.13
CA TYR A 89 18.48 4.68 12.56
C TYR A 89 19.50 3.82 13.28
N LEU A 90 19.88 2.70 12.67
CA LEU A 90 21.01 1.92 13.20
C LEU A 90 22.31 2.72 13.15
N SER A 91 22.52 3.45 12.05
CA SER A 91 23.74 4.23 11.89
C SER A 91 23.80 5.36 12.90
N ASN A 92 22.66 5.99 13.18
CA ASN A 92 22.66 7.13 14.10
C ASN A 92 22.78 6.67 15.54
N PHE A 93 22.30 5.47 15.85
CA PHE A 93 22.28 5.00 17.22
C PHE A 93 23.64 4.46 17.65
N PHE A 94 24.31 3.73 16.75
CA PHE A 94 25.58 3.11 17.13
C PHE A 94 26.77 3.94 16.69
N CYS A 95 26.73 4.49 15.47
CA CYS A 95 27.87 5.21 14.92
C CYS A 95 27.75 6.72 15.05
N SER A 96 26.53 7.25 15.22
CA SER A 96 26.26 8.68 15.45
C SER A 96 26.82 9.56 14.34
N ILE A 97 26.62 9.13 13.09
CA ILE A 97 27.09 9.91 11.95
C ILE A 97 26.16 11.09 11.68
N SER A 98 24.90 10.97 12.11
CA SER A 98 23.85 11.99 11.97
C SER A 98 23.63 12.34 10.50
N ILE A 99 23.12 11.35 9.77
CA ILE A 99 22.86 11.51 8.34
C ILE A 99 21.53 12.23 8.18
N ASN A 100 21.58 13.54 7.98
CA ASN A 100 20.36 14.28 7.67
C ASN A 100 19.95 14.01 6.23
N PHE A 101 18.64 13.93 6.01
CA PHE A 101 18.12 13.52 4.71
C PHE A 101 17.48 14.65 3.93
N PRO A 102 17.39 14.50 2.60
CA PRO A 102 16.47 15.33 1.83
C PRO A 102 15.05 15.08 2.30
N SER A 103 14.26 16.14 2.30
CA SER A 103 12.95 16.08 2.94
C SER A 103 11.87 15.64 1.94
N PHE A 104 12.27 15.33 0.71
CA PHE A 104 11.28 14.87 -0.26
C PHE A 104 11.26 13.36 -0.37
N PHE A 105 11.95 12.64 0.53
CA PHE A 105 11.81 11.20 0.55
C PHE A 105 10.46 10.78 1.12
N THR A 106 9.94 11.58 2.07
CA THR A 106 8.69 11.25 2.73
C THR A 106 7.52 11.31 1.75
N THR A 107 7.54 12.27 0.82
CA THR A 107 6.40 12.42 -0.08
C THR A 107 6.38 11.33 -1.15
N VAL A 108 7.55 10.89 -1.62
CA VAL A 108 7.53 9.80 -2.58
C VAL A 108 7.25 8.47 -1.88
N MET A 109 7.63 8.34 -0.61
CA MET A 109 7.20 7.17 0.15
C MET A 109 5.69 7.15 0.34
N THR A 110 5.10 8.31 0.61
CA THR A 110 3.64 8.42 0.72
C THR A 110 2.97 8.10 -0.61
N CYS A 111 3.57 8.56 -1.72
CA CYS A 111 3.05 8.22 -3.05
C CYS A 111 3.08 6.72 -3.29
N ALA A 112 4.18 6.06 -2.91
CA ALA A 112 4.27 4.61 -3.05
C ALA A 112 3.21 3.89 -2.24
N TYR A 113 3.01 4.31 -0.99
CA TYR A 113 2.01 3.70 -0.12
C TYR A 113 0.60 3.86 -0.68
N LEU A 114 0.26 5.08 -1.10
CA LEU A 114 -1.09 5.33 -1.61
C LEU A 114 -1.33 4.61 -2.92
N ALA A 115 -0.30 4.53 -3.78
CA ALA A 115 -0.47 3.81 -5.03
C ALA A 115 -0.64 2.31 -4.80
N GLY A 116 0.06 1.76 -3.81
CA GLY A 116 -0.15 0.36 -3.46
C GLY A 116 -1.56 0.07 -2.99
N LEU A 117 -2.09 0.94 -2.13
CA LEU A 117 -3.46 0.72 -1.65
C LEU A 117 -4.48 0.91 -2.77
N SER A 118 -4.24 1.86 -3.68
CA SER A 118 -5.12 2.05 -4.83
C SER A 118 -5.11 0.84 -5.75
N MET A 119 -3.93 0.23 -5.95
CA MET A 119 -3.86 -0.99 -6.74
C MET A 119 -4.62 -2.13 -6.08
N LEU A 120 -4.56 -2.21 -4.74
CA LEU A 120 -5.34 -3.24 -4.05
C LEU A 120 -6.84 -3.07 -4.29
N SER A 121 -7.34 -1.85 -4.13
CA SER A 121 -8.76 -1.61 -4.35
C SER A 121 -9.16 -1.82 -5.80
N THR A 122 -8.27 -1.48 -6.74
CA THR A 122 -8.61 -1.61 -8.15
C THR A 122 -8.60 -3.09 -8.58
N VAL A 123 -7.71 -3.89 -7.99
CA VAL A 123 -7.77 -5.35 -8.18
C VAL A 123 -9.10 -5.90 -7.70
N SER A 124 -9.57 -5.45 -6.52
CA SER A 124 -10.87 -5.92 -6.02
C SER A 124 -12.01 -5.53 -6.96
N THR A 125 -11.99 -4.30 -7.48
CA THR A 125 -13.06 -3.89 -8.40
C THR A 125 -12.99 -4.62 -9.72
N GLU A 126 -11.78 -4.93 -10.21
CA GLU A 126 -11.68 -5.69 -11.45
C GLU A 126 -12.20 -7.10 -11.29
N ARG A 127 -11.93 -7.74 -10.14
CA ARG A 127 -12.50 -9.06 -9.88
C ARG A 127 -14.02 -9.00 -9.82
N CYS A 128 -14.56 -7.97 -9.15
CA CYS A 128 -16.02 -7.83 -9.08
C CYS A 128 -16.62 -7.61 -10.46
N LEU A 129 -15.97 -6.79 -11.30
CA LEU A 129 -16.48 -6.55 -12.64
C LEU A 129 -16.40 -7.80 -13.50
N SER A 130 -15.37 -8.63 -13.29
CA SER A 130 -15.27 -9.87 -14.05
C SER A 130 -16.37 -10.84 -13.68
N VAL A 131 -16.68 -10.95 -12.38
CA VAL A 131 -17.70 -11.91 -11.96
C VAL A 131 -19.10 -11.42 -12.31
N LEU A 132 -19.37 -10.12 -12.15
CA LEU A 132 -20.72 -9.62 -12.40
C LEU A 132 -21.07 -9.61 -13.88
N TRP A 133 -20.17 -9.14 -14.74
CA TRP A 133 -20.41 -9.05 -16.18
C TRP A 133 -19.34 -9.86 -16.90
N PRO A 134 -19.54 -11.17 -17.05
CA PRO A 134 -18.51 -11.99 -17.71
C PRO A 134 -18.40 -11.75 -19.20
N ILE A 135 -19.53 -11.52 -19.86
CA ILE A 135 -19.54 -11.33 -21.31
C ILE A 135 -18.80 -10.07 -21.70
N TRP A 136 -19.06 -8.97 -20.97
CA TRP A 136 -18.35 -7.72 -21.23
C TRP A 136 -16.86 -7.87 -20.96
N TYR A 137 -16.51 -8.57 -19.89
CA TYR A 137 -15.11 -8.72 -19.52
C TYR A 137 -14.34 -9.54 -20.55
N ARG A 138 -14.98 -10.57 -21.12
CA ARG A 138 -14.30 -11.30 -22.20
C ARG A 138 -14.23 -10.49 -23.48
N CYS A 139 -15.34 -9.90 -23.90
CA CYS A 139 -15.44 -9.37 -25.25
C CYS A 139 -15.20 -7.87 -25.35
N ARG A 140 -15.97 -7.05 -24.63
CA ARG A 140 -16.02 -5.63 -24.94
C ARG A 140 -15.01 -4.84 -24.13
N ARG A 141 -14.22 -5.50 -23.31
CA ARG A 141 -13.29 -4.79 -22.45
C ARG A 141 -12.12 -4.25 -23.28
N PRO A 142 -11.82 -2.95 -23.19
CA PRO A 142 -10.67 -2.41 -23.91
C PRO A 142 -9.36 -2.99 -23.40
N ARG A 143 -8.40 -3.10 -24.31
CA ARG A 143 -7.15 -3.80 -23.99
C ARG A 143 -6.23 -2.95 -23.11
N HIS A 144 -6.23 -1.63 -23.31
CA HIS A 144 -5.39 -0.74 -22.51
C HIS A 144 -6.11 -0.13 -21.33
N LEU A 145 -7.27 -0.66 -20.94
CA LEU A 145 -8.00 -0.09 -19.81
C LEU A 145 -7.21 -0.27 -18.52
N SER A 146 -6.54 -1.41 -18.36
CA SER A 146 -5.72 -1.63 -17.18
C SER A 146 -4.59 -0.62 -17.10
N ALA A 147 -3.92 -0.37 -18.23
CA ALA A 147 -2.82 0.58 -18.25
C ALA A 147 -3.29 2.01 -17.95
N VAL A 148 -4.42 2.42 -18.55
CA VAL A 148 -4.87 3.80 -18.33
C VAL A 148 -5.39 3.98 -16.90
N VAL A 149 -6.01 2.95 -16.33
CA VAL A 149 -6.44 3.02 -14.94
C VAL A 149 -5.24 3.08 -14.00
N CYS A 150 -4.21 2.27 -14.25
CA CYS A 150 -3.01 2.30 -13.43
C CYS A 150 -2.32 3.66 -13.50
N VAL A 151 -2.23 4.23 -14.71
CA VAL A 151 -1.60 5.54 -14.87
C VAL A 151 -2.40 6.63 -14.15
N LEU A 152 -3.74 6.61 -14.27
CA LEU A 152 -4.55 7.63 -13.62
C LEU A 152 -4.47 7.53 -12.10
N LEU A 153 -4.50 6.31 -11.55
CA LEU A 153 -4.40 6.18 -10.10
C LEU A 153 -3.01 6.55 -9.59
N TRP A 154 -1.96 6.22 -10.33
CA TRP A 154 -0.62 6.68 -9.95
C TRP A 154 -0.51 8.20 -10.01
N ALA A 155 -1.10 8.82 -11.03
CA ALA A 155 -1.05 10.27 -11.14
C ALA A 155 -1.82 10.93 -9.99
N LEU A 156 -2.97 10.39 -9.63
CA LEU A 156 -3.75 10.97 -8.53
C LEU A 156 -3.05 10.76 -7.20
N SER A 157 -2.39 9.61 -7.02
CA SER A 157 -1.60 9.37 -5.82
C SER A 157 -0.44 10.35 -5.72
N LEU A 158 0.23 10.61 -6.83
CA LEU A 158 1.35 11.56 -6.82
C LEU A 158 0.85 12.98 -6.58
N LEU A 159 -0.32 13.31 -7.12
CA LEU A 159 -0.91 14.63 -6.88
C LEU A 159 -1.27 14.83 -5.42
N LEU A 160 -1.82 13.79 -4.78
CA LEU A 160 -2.15 13.91 -3.37
C LEU A 160 -0.90 13.85 -2.50
N SER A 161 0.20 13.31 -3.04
CA SER A 161 1.41 13.20 -2.24
C SER A 161 2.19 14.51 -2.19
N ILE A 162 2.44 15.12 -3.35
CA ILE A 162 3.30 16.31 -3.40
C ILE A 162 2.57 17.52 -2.85
N LEU A 163 1.25 17.58 -3.03
CA LEU A 163 0.49 18.71 -2.50
C LEU A 163 0.35 18.60 -1.00
N GLU A 164 0.41 17.38 -0.46
CA GLU A 164 0.59 17.21 0.98
C GLU A 164 2.03 17.51 1.37
N GLY A 165 2.98 17.30 0.46
CA GLY A 165 4.36 17.58 0.78
C GLY A 165 4.68 19.06 0.85
N LYS A 166 4.13 19.84 -0.08
CA LYS A 166 4.51 21.25 -0.17
C LYS A 166 3.89 22.07 0.95
N PHE A 167 2.67 21.72 1.37
CA PHE A 167 2.00 22.51 2.39
C PHE A 167 2.48 22.13 3.79
N CYS A 168 3.18 21.01 3.90
CA CYS A 168 3.57 20.55 5.23
C CYS A 168 5.08 20.54 5.44
N GLY A 169 5.85 21.08 4.48
CA GLY A 169 7.27 21.28 4.66
C GLY A 169 8.16 20.17 4.15
N PHE A 170 7.63 19.16 3.48
CA PHE A 170 8.44 18.04 3.01
C PHE A 170 8.91 18.24 1.58
N LEU A 171 9.38 19.44 1.30
CA LEU A 171 9.99 19.83 0.02
C LEU A 171 10.93 20.99 0.32
N PHE A 172 11.31 21.72 -0.72
CA PHE A 172 12.20 22.87 -0.59
C PHE A 172 11.56 23.95 0.27
N SER A 173 10.44 24.50 -0.16
CA SER A 173 9.74 25.51 0.62
C SER A 173 9.01 24.86 1.79
N ASP A 174 8.77 25.65 2.83
CA ASP A 174 8.03 25.20 4.00
C ASP A 174 6.64 25.81 3.95
N GLY A 175 5.66 25.08 4.47
CA GLY A 175 4.27 25.47 4.40
C GLY A 175 3.61 25.55 5.77
N ASP A 176 2.46 26.20 5.82
CA ASP A 176 1.78 26.40 7.09
C ASP A 176 1.14 25.11 7.58
N SER A 177 1.13 24.93 8.91
CA SER A 177 0.51 23.75 9.49
C SER A 177 -1.01 23.85 9.46
N GLY A 178 -1.55 25.06 9.45
CA GLY A 178 -2.98 25.23 9.41
C GLY A 178 -3.60 24.75 8.10
N TRP A 179 -2.97 25.06 6.99
CA TRP A 179 -3.46 24.60 5.69
C TRP A 179 -2.96 23.19 5.41
N CYS A 180 -2.02 22.70 6.21
CA CYS A 180 -1.58 21.32 6.10
C CYS A 180 -2.69 20.35 6.48
N GLN A 181 -3.42 20.65 7.56
CA GLN A 181 -4.41 19.70 8.06
C GLN A 181 -5.67 19.69 7.20
N THR A 182 -5.93 20.79 6.50
CA THR A 182 -7.05 20.81 5.57
C THR A 182 -6.81 19.85 4.41
N PHE A 183 -5.59 19.83 3.89
CA PHE A 183 -5.31 18.99 2.73
C PHE A 183 -4.95 17.57 3.14
N ASP A 184 -4.46 17.39 4.37
CA ASP A 184 -4.10 16.06 4.83
C ASP A 184 -5.36 15.23 5.09
N PHE A 185 -6.42 15.87 5.60
CA PHE A 185 -7.67 15.15 5.83
C PHE A 185 -8.32 14.71 4.52
N ILE A 186 -7.99 15.38 3.41
CA ILE A 186 -8.47 14.94 2.11
C ILE A 186 -7.87 13.59 1.74
N THR A 187 -6.59 13.39 2.04
CA THR A 187 -5.97 12.09 1.78
C THR A 187 -6.53 11.02 2.70
N ALA A 188 -6.95 11.41 3.91
CA ALA A 188 -7.58 10.45 4.82
C ALA A 188 -8.98 10.08 4.33
N ALA A 189 -9.74 11.06 3.86
CA ALA A 189 -11.06 10.78 3.32
C ALA A 189 -10.96 9.94 2.05
N TRP A 190 -9.96 10.23 1.21
CA TRP A 190 -9.70 9.41 0.03
C TRP A 190 -9.30 8.00 0.46
N LEU A 191 -8.58 7.87 1.57
CA LEU A 191 -8.17 6.54 2.03
C LEU A 191 -9.36 5.74 2.54
N ILE A 192 -10.28 6.40 3.25
CA ILE A 192 -11.49 5.72 3.72
C ILE A 192 -12.38 5.34 2.55
N PHE A 193 -12.50 6.22 1.55
CA PHE A 193 -13.24 5.89 0.34
C PHE A 193 -12.60 4.71 -0.39
N LEU A 194 -11.27 4.70 -0.46
CA LEU A 194 -10.54 3.62 -1.12
C LEU A 194 -10.73 2.30 -0.39
N PHE A 195 -10.91 2.36 0.93
CA PHE A 195 -11.22 1.14 1.67
C PHE A 195 -12.66 0.69 1.43
N MET A 196 -13.60 1.64 1.42
CA MET A 196 -15.00 1.27 1.24
C MET A 196 -15.27 0.73 -0.16
N VAL A 197 -14.48 1.16 -1.14
CA VAL A 197 -14.59 0.62 -2.49
C VAL A 197 -14.12 -0.83 -2.51
N LEU A 198 -13.05 -1.15 -1.78
CA LEU A 198 -12.57 -2.52 -1.69
C LEU A 198 -13.57 -3.41 -0.98
N CYS A 199 -14.15 -2.91 0.12
CA CYS A 199 -15.09 -3.74 0.88
C CYS A 199 -16.43 -3.86 0.17
N GLY A 200 -16.86 -2.79 -0.51
CA GLY A 200 -18.11 -2.85 -1.24
C GLY A 200 -18.05 -3.76 -2.45
N SER A 201 -16.92 -3.75 -3.16
CA SER A 201 -16.81 -4.57 -4.37
C SER A 201 -16.57 -6.03 -4.04
N SER A 202 -15.84 -6.31 -2.96
CA SER A 202 -15.63 -7.70 -2.56
C SER A 202 -16.91 -8.30 -2.00
N LEU A 203 -17.80 -7.46 -1.47
CA LEU A 203 -19.07 -7.96 -0.96
C LEU A 203 -20.00 -8.35 -2.10
N ALA A 204 -20.03 -7.55 -3.17
CA ALA A 204 -20.91 -7.84 -4.29
C ALA A 204 -20.50 -9.12 -5.00
N LEU A 205 -19.19 -9.36 -5.10
CA LEU A 205 -18.70 -10.60 -5.71
C LEU A 205 -19.12 -11.79 -4.87
N LEU A 206 -19.05 -11.67 -3.54
CA LEU A 206 -19.43 -12.77 -2.66
C LEU A 206 -20.91 -13.09 -2.79
N VAL A 207 -21.75 -12.05 -2.87
CA VAL A 207 -23.18 -12.23 -3.07
C VAL A 207 -23.44 -12.94 -4.40
N ARG A 208 -22.74 -12.51 -5.46
CA ARG A 208 -22.98 -13.11 -6.77
C ARG A 208 -22.53 -14.57 -6.83
N ILE A 209 -21.40 -14.91 -6.19
CA ILE A 209 -20.93 -16.28 -6.28
C ILE A 209 -21.68 -17.18 -5.31
N LEU A 210 -22.29 -16.60 -4.28
CA LEU A 210 -23.03 -17.43 -3.33
C LEU A 210 -24.49 -17.58 -3.73
N CYS A 211 -24.97 -16.69 -4.61
CA CYS A 211 -26.35 -16.83 -5.07
C CYS A 211 -26.48 -17.89 -6.15
N GLY A 212 -25.81 -17.71 -7.29
CA GLY A 212 -26.08 -18.57 -8.44
C GLY A 212 -24.88 -19.01 -9.26
N SER A 213 -23.76 -19.31 -8.62
CA SER A 213 -22.57 -19.77 -9.32
C SER A 213 -22.34 -21.25 -9.01
N ARG A 214 -22.02 -22.03 -10.03
CA ARG A 214 -22.02 -23.49 -9.92
C ARG A 214 -20.62 -24.11 -9.85
N GLY A 215 -19.77 -23.85 -10.84
CA GLY A 215 -18.55 -24.64 -10.97
C GLY A 215 -17.40 -24.13 -10.13
N LEU A 216 -17.59 -22.99 -9.48
CA LEU A 216 -16.47 -22.31 -8.83
C LEU A 216 -16.10 -23.04 -7.53
N PRO A 217 -14.83 -22.98 -7.11
CA PRO A 217 -14.50 -23.46 -5.75
C PRO A 217 -14.82 -22.41 -4.69
N LEU A 218 -15.98 -22.58 -4.05
CA LEU A 218 -16.53 -21.52 -3.21
C LEU A 218 -15.70 -21.32 -1.95
N THR A 219 -15.27 -22.42 -1.32
CA THR A 219 -14.58 -22.34 -0.04
C THR A 219 -13.26 -21.60 -0.16
N ARG A 220 -12.42 -22.03 -1.12
CA ARG A 220 -11.17 -21.35 -1.38
C ARG A 220 -11.41 -19.91 -1.82
N LEU A 221 -12.51 -19.67 -2.55
CA LEU A 221 -12.75 -18.33 -3.07
C LEU A 221 -13.09 -17.34 -1.94
N TYR A 222 -14.01 -17.71 -1.03
CA TYR A 222 -14.30 -16.72 0.00
C TYR A 222 -13.18 -16.68 1.03
N LEU A 223 -12.42 -17.77 1.17
CA LEU A 223 -11.25 -17.72 2.06
C LEU A 223 -10.23 -16.71 1.56
N THR A 224 -9.93 -16.72 0.26
CA THR A 224 -8.92 -15.78 -0.23
C THR A 224 -9.45 -14.36 -0.30
N ILE A 225 -10.76 -14.19 -0.58
CA ILE A 225 -11.33 -12.84 -0.59
C ILE A 225 -11.33 -12.25 0.82
N LEU A 226 -11.73 -13.04 1.80
CA LEU A 226 -11.77 -12.58 3.18
C LEU A 226 -10.37 -12.33 3.70
N LEU A 227 -9.40 -13.14 3.27
CA LEU A 227 -8.01 -12.93 3.64
C LEU A 227 -7.49 -11.59 3.11
N THR A 228 -7.82 -11.27 1.85
CA THR A 228 -7.40 -9.97 1.31
C THR A 228 -8.07 -8.83 2.06
N VAL A 229 -9.34 -8.99 2.45
CA VAL A 229 -10.05 -7.92 3.15
C VAL A 229 -9.43 -7.67 4.53
N LEU A 230 -9.20 -8.73 5.31
CA LEU A 230 -8.55 -8.53 6.61
C LEU A 230 -7.11 -8.05 6.48
N VAL A 231 -6.38 -8.48 5.45
CA VAL A 231 -5.02 -7.97 5.28
C VAL A 231 -5.04 -6.48 5.00
N PHE A 232 -5.90 -6.05 4.08
CA PHE A 232 -5.97 -4.64 3.71
C PHE A 232 -6.51 -3.78 4.85
N LEU A 233 -7.35 -4.36 5.72
CA LEU A 233 -7.91 -3.56 6.81
C LEU A 233 -6.98 -3.52 8.02
N LEU A 234 -6.30 -4.62 8.32
CA LEU A 234 -5.49 -4.71 9.53
C LEU A 234 -4.04 -4.30 9.32
N CYS A 235 -3.53 -4.30 8.09
CA CYS A 235 -2.12 -4.05 7.87
C CYS A 235 -1.89 -2.90 6.88
N GLY A 236 -2.79 -2.72 5.92
CA GLY A 236 -2.64 -1.63 4.98
C GLY A 236 -3.11 -0.30 5.53
N LEU A 237 -4.35 -0.25 6.00
CA LEU A 237 -4.96 0.94 6.62
C LEU A 237 -4.25 1.56 7.82
N PRO A 238 -3.80 0.81 8.85
CA PRO A 238 -3.42 1.47 10.11
C PRO A 238 -2.29 2.50 10.00
N PHE A 239 -1.32 2.30 9.11
CA PHE A 239 -0.27 3.29 8.95
C PHE A 239 -0.82 4.60 8.41
N GLY A 240 -1.60 4.52 7.33
CA GLY A 240 -2.20 5.72 6.78
C GLY A 240 -3.14 6.38 7.77
N ILE A 241 -3.90 5.59 8.52
CA ILE A 241 -4.86 6.15 9.45
C ILE A 241 -4.15 6.90 10.58
N GLN A 242 -3.13 6.22 11.06
CA GLN A 242 -2.40 6.86 12.13
C GLN A 242 -1.53 8.05 11.69
N TRP A 243 -0.87 7.91 10.54
CA TRP A 243 -0.02 8.96 10.01
C TRP A 243 -0.77 10.22 9.62
N PHE A 244 -1.95 10.08 9.04
CA PHE A 244 -2.69 11.25 8.61
C PHE A 244 -3.81 11.67 9.55
N LEU A 245 -4.94 10.98 9.49
CA LEU A 245 -6.09 11.33 10.33
C LEU A 245 -5.92 11.19 11.84
N ILE A 246 -5.36 10.07 12.28
CA ILE A 246 -5.19 9.85 13.73
C ILE A 246 -4.23 10.78 14.46
N LEU A 247 -3.09 11.09 13.84
CA LEU A 247 -2.10 11.93 14.50
C LEU A 247 -2.59 13.34 14.81
N TRP A 248 -3.23 13.97 13.84
CA TRP A 248 -3.72 15.32 14.03
C TRP A 248 -4.83 15.47 15.07
N ILE A 249 -5.82 14.58 15.00
CA ILE A 249 -6.96 14.62 15.91
C ILE A 249 -6.68 14.35 17.38
N TRP A 250 -5.87 13.34 17.64
CA TRP A 250 -5.51 12.93 19.00
C TRP A 250 -4.73 13.97 19.76
N LYS A 251 -3.64 14.45 19.16
CA LYS A 251 -2.77 15.44 19.79
C LYS A 251 -2.30 14.98 21.16
N ASP A 252 -1.83 13.75 21.21
CA ASP A 252 -1.33 13.13 22.43
C ASP A 252 0.06 12.65 22.06
N SER A 253 0.98 13.58 21.96
CA SER A 253 2.35 13.28 21.52
C SER A 253 3.19 12.32 22.34
N ASP A 254 3.17 12.42 23.66
CA ASP A 254 4.02 11.51 24.42
C ASP A 254 3.60 10.07 24.20
N VAL A 255 2.30 9.82 24.29
CA VAL A 255 1.77 8.47 24.10
C VAL A 255 1.84 7.92 22.68
N LEU A 256 1.49 8.76 21.71
CA LEU A 256 1.46 8.31 20.32
C LEU A 256 2.75 7.93 19.62
N PHE A 257 3.77 8.75 19.68
CA PHE A 257 4.99 8.38 18.96
C PHE A 257 5.78 7.20 19.50
N CYS A 258 5.91 7.15 20.82
CA CYS A 258 6.69 6.08 21.41
C CYS A 258 6.08 4.70 21.23
N HIS A 259 4.77 4.60 21.42
CA HIS A 259 4.12 3.31 21.30
C HIS A 259 3.38 3.07 20.01
N ILE A 260 2.49 3.97 19.65
CA ILE A 260 1.74 3.75 18.43
C ILE A 260 2.51 3.77 17.13
N HIS A 261 3.43 4.69 16.95
CA HIS A 261 4.13 4.78 15.67
C HIS A 261 5.03 3.63 15.24
N PRO A 262 5.78 3.04 16.16
CA PRO A 262 6.63 1.93 15.72
C PRO A 262 5.79 0.79 15.19
N VAL A 263 4.71 0.47 15.90
CA VAL A 263 3.83 -0.60 15.47
C VAL A 263 3.12 -0.27 14.17
N SER A 264 2.72 0.97 13.96
CA SER A 264 2.02 1.27 12.72
C SER A 264 2.88 1.03 11.51
N VAL A 265 4.15 1.41 11.57
CA VAL A 265 4.99 1.19 10.41
C VAL A 265 5.17 -0.27 10.14
N VAL A 266 5.35 -1.05 11.19
CA VAL A 266 5.55 -2.47 11.00
C VAL A 266 4.37 -3.14 10.34
N LEU A 267 3.16 -2.83 10.77
CA LEU A 267 2.02 -3.46 10.17
C LEU A 267 1.94 -3.07 8.71
N SER A 268 2.11 -1.80 8.40
CA SER A 268 2.04 -1.38 7.01
C SER A 268 3.18 -1.99 6.22
N SER A 269 4.37 -2.07 6.81
CA SER A 269 5.50 -2.70 6.15
C SER A 269 5.23 -4.17 5.93
N LEU A 270 4.61 -4.81 6.91
CA LEU A 270 4.26 -6.21 6.80
C LEU A 270 3.27 -6.42 5.66
N ASN A 271 2.32 -5.52 5.53
CA ASN A 271 1.34 -5.64 4.47
C ASN A 271 1.99 -5.60 3.11
N SER A 272 2.97 -4.74 2.90
CA SER A 272 3.63 -4.72 1.59
C SER A 272 4.35 -6.02 1.29
N SER A 273 4.97 -6.61 2.30
CA SER A 273 5.65 -7.88 2.11
C SER A 273 4.71 -9.03 1.76
N ALA A 274 3.56 -9.09 2.40
CA ALA A 274 2.60 -10.16 2.16
C ALA A 274 1.79 -10.02 0.88
N ASN A 275 1.77 -8.84 0.31
CA ASN A 275 1.05 -8.59 -0.94
C ASN A 275 1.54 -9.37 -2.15
N PRO A 276 2.85 -9.47 -2.47
CA PRO A 276 3.23 -10.33 -3.59
C PRO A 276 2.88 -11.79 -3.37
N ILE A 277 3.06 -12.27 -2.13
CA ILE A 277 2.76 -13.67 -1.82
C ILE A 277 1.27 -13.95 -2.01
N ILE A 278 0.41 -13.06 -1.52
CA ILE A 278 -1.03 -13.27 -1.65
C ILE A 278 -1.47 -13.16 -3.11
N TYR A 279 -0.95 -12.17 -3.84
CA TYR A 279 -1.55 -11.88 -5.13
C TYR A 279 -0.90 -12.62 -6.30
N PHE A 280 0.43 -12.68 -6.37
CA PHE A 280 1.07 -13.29 -7.53
C PHE A 280 1.49 -14.72 -7.23
N PHE A 281 2.19 -14.95 -6.12
CA PHE A 281 2.87 -16.22 -5.91
C PHE A 281 1.89 -17.36 -5.63
N VAL A 282 0.84 -17.08 -4.86
CA VAL A 282 -0.22 -18.08 -4.67
C VAL A 282 -0.94 -18.33 -5.99
N GLY A 283 -1.23 -17.25 -6.74
CA GLY A 283 -1.92 -17.42 -8.00
C GLY A 283 -1.09 -18.14 -9.05
N SER A 284 0.21 -17.83 -9.12
CA SER A 284 1.04 -18.40 -10.18
C SER A 284 1.63 -19.74 -9.80
N PHE A 285 2.33 -19.81 -8.66
CA PHE A 285 3.07 -21.00 -8.28
C PHE A 285 2.21 -22.06 -7.60
N ARG A 286 0.88 -22.01 -7.76
CA ARG A 286 0.04 -23.04 -7.18
C ARG A 286 0.18 -24.36 -7.92
N LYS A 287 0.37 -24.30 -9.24
CA LYS A 287 0.49 -25.52 -10.04
C LYS A 287 1.83 -26.21 -9.80
N GLN A 288 2.86 -25.42 -9.43
CA GLN A 288 4.17 -26.02 -9.18
C GLN A 288 4.18 -26.81 -7.88
N TRP A 289 3.44 -26.35 -6.88
CA TRP A 289 3.34 -27.07 -5.62
C TRP A 289 1.89 -27.15 -5.13
N PRO B 1 9.68 19.82 10.14
CA PRO B 1 8.68 20.72 9.54
C PRO B 1 7.38 20.70 10.34
N CYS B 2 6.26 20.93 9.67
CA CYS B 2 4.95 20.93 10.31
C CYS B 2 4.65 19.54 10.88
N LYS B 3 5.03 18.49 10.18
CA LYS B 3 4.75 17.12 10.67
C LYS B 3 5.74 16.60 11.70
N ASN B 4 5.26 15.66 12.49
CA ASN B 4 6.03 15.07 13.55
C ASN B 4 7.33 14.52 13.05
N PHE B 5 7.25 13.80 11.92
CA PHE B 5 8.33 13.09 11.19
C PHE B 5 8.51 11.66 11.75
N PHE B 6 9.11 10.74 11.01
CA PHE B 6 9.16 9.38 11.55
C PHE B 6 10.46 8.71 12.01
#